data_9B1J
#
_entry.id   9B1J
#
_cell.length_a   1.00
_cell.length_b   1.00
_cell.length_c   1.00
_cell.angle_alpha   90.00
_cell.angle_beta   90.00
_cell.angle_gamma   90.00
#
_symmetry.space_group_name_H-M   'P 1'
#
loop_
_entity.id
_entity.type
_entity.pdbx_description
1 polymer 'Solute carrier family 22 member 12'
2 non-polymer 2-acetamido-2-deoxy-beta-D-glucopyranose
3 non-polymer 'URIC ACID'
4 non-polymer 'PHOSPHATE ION'
#
_entity_poly.entity_id   1
_entity_poly.type   'polypeptide(L)'
_entity_poly.pdbx_seq_one_letter_code
;FSELLDLVGGLGRFQVLQTMALMVSIMWLCTQSMLENFSAAVPSHRCWAPLLDNSTAVSTSLSPEALLAISIPPGPNQRP
HQCRRFRQPQWQLLDPNATATSWSEADTEPCVDGWVYDRSIFTSTIVAKWNLVCDSHALKPMAQSIYLAGILVGAAACGP
ASDRFGRRLVLTWSYLQMAVMGTAAAFAPAFPVYCLFRFLLAFAVAGVMMNTGTLLMEWTAARARPLVMTLNSLGFSFGH
GLTAAVAYGVRDWTLLQLVVSVPFFLCFLYSWWLPESARWLIIKGKPDQALQELRKVARINGHKEAKNLTIEVLMSSVKE
EVASAKEPRSVLDLFCVPGLRFRTCISTLCWFAFGFTFFGLALDLQALGSNIFLLQMFIGVVDIPAKMGALLLLSHLGRR
PTLAASLLLAGLCILANTLVPHEMGALRSALAVLGLGGVGAAFTCITIYSSELFPTVLRMTAVGLGQMAARGGAILGPLV
RLLGVHGPWLPLLVYGTVPVLSGLAALLLPETQSLPLPDTIQDVQNQAVKKATHGTLGNSVLKSTQF
;
_entity_poly.pdbx_strand_id   A
#
# COMPACT_ATOMS: atom_id res chain seq x y z
N PHE A 1 6.35 20.27 -27.27
CA PHE A 1 5.85 18.92 -27.68
C PHE A 1 4.33 18.86 -27.87
N SER A 2 3.58 19.37 -26.89
CA SER A 2 2.13 19.16 -26.81
C SER A 2 1.40 19.58 -28.09
N GLU A 3 2.01 20.43 -28.90
CA GLU A 3 1.43 20.80 -30.17
C GLU A 3 1.11 19.57 -31.01
N LEU A 4 1.88 18.49 -30.85
CA LEU A 4 1.59 17.25 -31.55
C LEU A 4 0.36 16.57 -31.00
N LEU A 5 0.22 16.50 -29.67
CA LEU A 5 -1.00 15.95 -29.11
C LEU A 5 -2.23 16.69 -29.63
N ASP A 6 -2.07 17.98 -29.95
CA ASP A 6 -3.21 18.68 -30.52
C ASP A 6 -3.53 18.21 -31.93
N LEU A 7 -2.54 17.70 -32.69
CA LEU A 7 -2.85 17.04 -33.95
C LEU A 7 -3.44 15.65 -33.72
N VAL A 8 -2.98 14.97 -32.68
CA VAL A 8 -3.40 13.60 -32.39
C VAL A 8 -4.64 13.54 -31.50
N GLY A 9 -4.97 14.64 -30.82
CA GLY A 9 -6.00 14.63 -29.80
C GLY A 9 -5.33 14.46 -28.45
N GLY A 10 -5.35 15.51 -27.63
CA GLY A 10 -4.69 15.46 -26.35
C GLY A 10 -5.56 14.99 -25.21
N LEU A 11 -6.88 15.04 -25.40
CA LEU A 11 -7.83 14.35 -24.56
C LEU A 11 -8.94 13.86 -25.49
N GLY A 12 -9.33 12.61 -25.32
CA GLY A 12 -10.26 12.01 -26.26
C GLY A 12 -10.40 10.52 -26.01
N ARG A 13 -10.88 9.83 -27.04
CA ARG A 13 -11.22 8.42 -26.90
C ARG A 13 -10.02 7.61 -26.42
N PHE A 14 -8.84 7.86 -26.97
CA PHE A 14 -7.67 7.08 -26.56
C PHE A 14 -7.31 7.34 -25.10
N GLN A 15 -7.23 8.61 -24.70
CA GLN A 15 -6.85 8.91 -23.32
C GLN A 15 -7.92 8.42 -22.35
N VAL A 16 -9.18 8.47 -22.74
CA VAL A 16 -10.26 7.94 -21.92
C VAL A 16 -10.07 6.44 -21.70
N LEU A 17 -9.90 5.70 -22.80
CA LEU A 17 -9.79 4.26 -22.70
C LEU A 17 -8.51 3.86 -21.96
N GLN A 18 -7.42 4.58 -22.19
CA GLN A 18 -6.18 4.29 -21.48
C GLN A 18 -6.33 4.53 -20.00
N THR A 19 -7.01 5.62 -19.61
CA THR A 19 -7.24 5.87 -18.20
C THR A 19 -8.05 4.75 -17.57
N MET A 20 -9.12 4.30 -18.23
CA MET A 20 -9.91 3.19 -17.69
C MET A 20 -9.06 1.94 -17.53
N ALA A 21 -8.30 1.60 -18.58
CA ALA A 21 -7.53 0.37 -18.58
C ALA A 21 -6.50 0.37 -17.48
N LEU A 22 -5.80 1.48 -17.28
CA LEU A 22 -4.76 1.53 -16.26
C LEU A 22 -5.35 1.65 -14.85
N MET A 23 -6.51 2.31 -14.71
CA MET A 23 -7.18 2.38 -13.41
C MET A 23 -7.54 0.99 -12.91
N VAL A 24 -8.04 0.13 -13.79
CA VAL A 24 -8.42 -1.21 -13.35
C VAL A 24 -7.20 -1.98 -12.83
N SER A 25 -6.08 -1.86 -13.52
CA SER A 25 -4.85 -2.49 -13.07
C SER A 25 -4.43 -1.95 -11.72
N ILE A 26 -4.58 -0.64 -11.51
CA ILE A 26 -4.22 -0.08 -10.21
C ILE A 26 -5.13 -0.60 -9.12
N MET A 27 -6.40 -0.85 -9.43
CA MET A 27 -7.29 -1.45 -8.43
C MET A 27 -6.77 -2.80 -7.96
N TRP A 28 -6.48 -3.70 -8.91
CA TRP A 28 -5.99 -5.02 -8.50
C TRP A 28 -4.62 -4.93 -7.83
N LEU A 29 -3.79 -4.00 -8.28
CA LEU A 29 -2.49 -3.78 -7.65
C LEU A 29 -2.65 -3.32 -6.21
N CYS A 30 -3.68 -2.52 -5.93
CA CYS A 30 -3.96 -2.13 -4.55
C CYS A 30 -4.39 -3.33 -3.71
N THR A 31 -5.18 -4.23 -4.30
CA THR A 31 -5.55 -5.44 -3.56
C THR A 31 -4.31 -6.22 -3.17
N GLN A 32 -3.32 -6.30 -4.07
CA GLN A 32 -2.11 -7.06 -3.73
C GLN A 32 -1.48 -6.54 -2.43
N SER A 33 -1.43 -5.22 -2.25
CA SER A 33 -0.80 -4.67 -1.06
C SER A 33 -1.68 -4.85 0.17
N MET A 34 -2.98 -4.57 0.05
CA MET A 34 -3.86 -4.65 1.22
C MET A 34 -4.19 -6.09 1.60
N LEU A 35 -3.80 -7.06 0.77
CA LEU A 35 -4.24 -8.43 0.96
C LEU A 35 -3.89 -9.00 2.32
N GLU A 36 -2.73 -8.67 2.87
CA GLU A 36 -2.25 -9.33 4.07
C GLU A 36 -2.92 -8.86 5.35
N ASN A 37 -3.98 -8.06 5.25
CA ASN A 37 -4.95 -7.98 6.34
C ASN A 37 -5.74 -9.27 6.46
N PHE A 38 -5.96 -9.96 5.34
CA PHE A 38 -6.79 -11.14 5.26
C PHE A 38 -5.98 -12.41 5.01
N SER A 39 -5.01 -12.36 4.11
CA SER A 39 -4.16 -13.52 3.90
C SER A 39 -3.39 -13.88 5.17
N ALA A 40 -3.04 -12.89 5.98
CA ALA A 40 -2.23 -13.10 7.18
C ALA A 40 -2.99 -12.68 8.44
N ALA A 41 -4.30 -12.85 8.47
CA ALA A 41 -5.06 -12.57 9.67
C ALA A 41 -4.68 -13.55 10.77
N VAL A 42 -4.69 -13.08 12.02
CA VAL A 42 -4.35 -13.92 13.16
C VAL A 42 -5.63 -14.44 13.81
N PRO A 43 -6.00 -15.70 13.58
CA PRO A 43 -7.12 -16.27 14.34
C PRO A 43 -6.72 -16.60 15.77
N SER A 44 -7.72 -16.61 16.64
CA SER A 44 -7.48 -16.95 18.04
C SER A 44 -7.03 -18.40 18.15
N HIS A 45 -6.12 -18.66 19.09
CA HIS A 45 -5.46 -19.96 19.11
C HIS A 45 -5.06 -20.34 20.53
N ARG A 46 -4.74 -21.62 20.68
CA ARG A 46 -4.32 -22.21 21.94
C ARG A 46 -3.48 -23.43 21.63
N CYS A 47 -2.87 -24.00 22.67
CA CYS A 47 -2.14 -25.25 22.48
C CYS A 47 -3.10 -26.41 22.26
N TRP A 48 -2.66 -27.38 21.46
CA TRP A 48 -3.32 -28.67 21.38
C TRP A 48 -3.22 -29.37 22.73
N ALA A 49 -4.32 -30.01 23.17
CA ALA A 49 -4.32 -30.64 24.48
C ALA A 49 -5.13 -31.94 24.46
N PRO A 50 -4.67 -32.99 25.15
CA PRO A 50 -5.39 -34.27 25.08
C PRO A 50 -6.88 -34.22 25.38
N LEU A 51 -7.28 -33.64 26.51
CA LEU A 51 -8.69 -33.70 26.89
C LEU A 51 -9.56 -32.92 25.91
N LEU A 52 -8.99 -31.94 25.22
CA LEU A 52 -9.74 -31.12 24.27
C LEU A 52 -9.73 -31.71 22.85
N ASP A 53 -8.61 -32.30 22.42
CA ASP A 53 -8.39 -32.57 21.01
C ASP A 53 -8.11 -34.03 20.65
N ASN A 54 -7.70 -34.88 21.60
CA ASN A 54 -7.41 -36.28 21.29
C ASN A 54 -8.72 -37.05 21.26
N SER A 55 -9.39 -36.98 20.10
CA SER A 55 -10.66 -37.66 19.92
C SER A 55 -10.53 -39.17 19.95
N THR A 56 -9.30 -39.70 19.83
CA THR A 56 -9.09 -41.14 19.88
C THR A 56 -9.04 -41.67 21.30
N ALA A 57 -8.94 -40.78 22.29
CA ALA A 57 -8.84 -41.18 23.67
C ALA A 57 -10.23 -41.35 24.29
N VAL A 58 -10.24 -41.87 25.52
CA VAL A 58 -11.50 -42.05 26.25
C VAL A 58 -12.07 -40.68 26.61
N SER A 59 -13.34 -40.49 26.30
CA SER A 59 -14.00 -39.20 26.52
C SER A 59 -14.58 -39.12 27.94
N THR A 60 -15.09 -37.94 28.27
CA THR A 60 -15.71 -37.69 29.57
C THR A 60 -17.00 -36.91 29.36
N SER A 61 -17.81 -36.86 30.41
CA SER A 61 -19.11 -36.21 30.38
C SER A 61 -19.05 -34.72 30.64
N LEU A 62 -17.87 -34.16 30.89
CA LEU A 62 -17.77 -32.74 31.20
C LEU A 62 -17.98 -31.90 29.94
N SER A 63 -18.39 -30.66 30.16
CA SER A 63 -18.63 -29.74 29.06
C SER A 63 -17.32 -29.20 28.50
N PRO A 64 -17.31 -28.77 27.24
CA PRO A 64 -16.08 -28.19 26.68
C PRO A 64 -15.54 -26.98 27.44
N GLU A 65 -16.41 -26.13 27.99
CA GLU A 65 -15.95 -24.99 28.78
C GLU A 65 -15.17 -25.44 30.01
N ALA A 66 -15.70 -26.43 30.71
CA ALA A 66 -15.02 -26.96 31.88
C ALA A 66 -13.70 -27.63 31.49
N LEU A 67 -13.69 -28.37 30.39
CA LEU A 67 -12.46 -29.02 29.96
C LEU A 67 -11.40 -28.01 29.52
N LEU A 68 -11.83 -26.90 28.91
CA LEU A 68 -10.90 -25.83 28.59
C LEU A 68 -10.31 -25.23 29.85
N ALA A 69 -11.14 -24.94 30.85
CA ALA A 69 -10.58 -24.44 32.10
C ALA A 69 -9.67 -25.46 32.75
N ILE A 70 -9.93 -26.75 32.52
CA ILE A 70 -9.11 -27.81 33.08
C ILE A 70 -7.81 -28.01 32.31
N SER A 71 -7.70 -27.48 31.10
CA SER A 71 -6.55 -27.76 30.25
C SER A 71 -5.64 -26.57 30.00
N ILE A 72 -6.19 -25.36 29.83
CA ILE A 72 -5.42 -24.21 29.39
C ILE A 72 -5.44 -23.14 30.48
N PRO A 73 -4.28 -22.64 30.93
CA PRO A 73 -4.29 -21.59 31.95
C PRO A 73 -4.72 -20.26 31.37
N PRO A 74 -5.25 -19.36 32.19
CA PRO A 74 -5.57 -18.00 31.71
C PRO A 74 -4.33 -17.14 31.52
N GLY A 75 -4.33 -16.33 30.47
CA GLY A 75 -3.24 -15.44 30.18
C GLY A 75 -3.47 -14.04 30.70
N PRO A 76 -2.56 -13.13 30.36
CA PRO A 76 -2.66 -11.75 30.87
C PRO A 76 -3.94 -11.04 30.48
N ASN A 77 -4.50 -11.32 29.30
CA ASN A 77 -5.63 -10.57 28.77
C ASN A 77 -6.96 -11.10 29.28
N GLN A 78 -7.00 -11.77 30.42
CA GLN A 78 -8.23 -12.31 30.97
C GLN A 78 -8.89 -13.27 29.99
N ARG A 79 -8.08 -13.94 29.19
CA ARG A 79 -8.52 -14.93 28.23
C ARG A 79 -7.53 -16.08 28.24
N PRO A 80 -7.91 -17.23 27.71
CA PRO A 80 -7.02 -18.40 27.75
C PRO A 80 -5.67 -18.09 27.13
N HIS A 81 -4.63 -18.65 27.73
CA HIS A 81 -3.27 -18.38 27.27
C HIS A 81 -3.05 -18.95 25.88
N GLN A 82 -2.44 -18.14 25.01
CA GLN A 82 -2.21 -18.54 23.62
C GLN A 82 -0.93 -19.34 23.41
N CYS A 83 -0.09 -19.51 24.44
CA CYS A 83 1.22 -20.11 24.26
C CYS A 83 1.60 -21.12 25.34
N ARG A 84 0.67 -21.51 26.22
CA ARG A 84 0.99 -22.43 27.30
C ARG A 84 -0.19 -23.36 27.55
N ARG A 85 0.10 -24.49 28.20
CA ARG A 85 -0.92 -25.43 28.63
C ARG A 85 -0.46 -26.09 29.93
N PHE A 86 -1.42 -26.62 30.68
CA PHE A 86 -1.10 -27.29 31.93
C PHE A 86 -0.37 -28.59 31.66
N ARG A 87 0.64 -28.87 32.49
CA ARG A 87 1.43 -30.08 32.32
C ARG A 87 0.62 -31.34 32.61
N GLN A 88 -0.30 -31.27 33.58
CA GLN A 88 -1.25 -32.34 33.86
C GLN A 88 -2.62 -31.70 34.03
N PRO A 89 -3.69 -32.39 33.65
CA PRO A 89 -5.03 -31.79 33.78
C PRO A 89 -5.29 -31.32 35.21
N GLN A 90 -5.83 -30.11 35.31
CA GLN A 90 -6.10 -29.49 36.61
C GLN A 90 -7.54 -29.77 37.03
N TRP A 91 -7.78 -31.01 37.47
CA TRP A 91 -9.09 -31.34 38.01
C TRP A 91 -9.42 -30.48 39.22
N GLN A 92 -8.40 -30.02 39.95
CA GLN A 92 -8.63 -29.26 41.17
C GLN A 92 -9.26 -27.89 40.90
N LEU A 93 -9.21 -27.42 39.65
CA LEU A 93 -9.67 -26.09 39.29
C LEU A 93 -11.15 -26.07 38.89
N LEU A 94 -11.84 -27.20 39.01
CA LEU A 94 -13.26 -27.27 38.64
C LEU A 94 -14.17 -26.91 39.81
N ASP A 95 -13.73 -27.19 41.05
CA ASP A 95 -14.59 -26.98 42.20
C ASP A 95 -14.76 -25.48 42.49
N PRO A 96 -15.89 -25.08 43.09
CA PRO A 96 -16.11 -23.65 43.39
C PRO A 96 -15.16 -23.10 44.44
N ASN A 97 -14.48 -23.95 45.20
CA ASN A 97 -13.55 -23.48 46.22
C ASN A 97 -12.20 -23.08 45.64
N ALA A 98 -12.00 -23.28 44.34
CA ALA A 98 -10.69 -23.08 43.75
C ALA A 98 -10.34 -21.59 43.66
N THR A 99 -9.05 -21.31 43.55
CA THR A 99 -8.55 -19.96 43.39
C THR A 99 -7.38 -19.97 42.41
N ALA A 100 -7.05 -18.77 41.91
CA ALA A 100 -5.92 -18.64 41.00
C ALA A 100 -4.60 -19.02 41.66
N THR A 101 -4.53 -18.96 42.99
CA THR A 101 -3.32 -19.34 43.69
C THR A 101 -3.08 -20.84 43.68
N SER A 102 -4.05 -21.62 43.21
CA SER A 102 -3.96 -23.07 43.26
C SER A 102 -2.92 -23.64 42.30
N TRP A 103 -2.38 -22.84 41.38
CA TRP A 103 -1.40 -23.33 40.43
C TRP A 103 -0.34 -22.26 40.21
N SER A 104 0.80 -22.70 39.68
CA SER A 104 1.94 -21.83 39.43
C SER A 104 2.53 -22.17 38.06
N GLU A 105 3.31 -21.23 37.54
CA GLU A 105 3.80 -21.34 36.17
C GLU A 105 4.66 -22.58 35.95
N ALA A 106 5.26 -23.14 36.99
CA ALA A 106 5.99 -24.39 36.81
C ALA A 106 5.06 -25.53 36.44
N ASP A 107 3.76 -25.39 36.69
CA ASP A 107 2.77 -26.40 36.34
C ASP A 107 2.35 -26.32 34.87
N THR A 108 2.97 -25.44 34.09
CA THR A 108 2.61 -25.22 32.70
C THR A 108 3.80 -25.52 31.80
N GLU A 109 3.50 -25.81 30.54
CA GLU A 109 4.50 -26.06 29.50
C GLU A 109 4.08 -25.36 28.22
N PRO A 110 5.03 -25.06 27.35
CA PRO A 110 4.68 -24.49 26.04
C PRO A 110 4.03 -25.54 25.15
N CYS A 111 3.57 -25.08 23.98
CA CYS A 111 2.80 -25.94 23.07
C CYS A 111 3.75 -26.94 22.43
N VAL A 112 4.02 -28.03 23.15
CA VAL A 112 4.83 -29.10 22.58
C VAL A 112 4.15 -29.70 21.36
N ASP A 113 2.83 -29.86 21.43
CA ASP A 113 2.05 -30.51 20.38
C ASP A 113 1.44 -29.53 19.39
N GLY A 114 1.88 -28.28 19.40
CA GLY A 114 1.39 -27.32 18.42
C GLY A 114 0.07 -26.70 18.81
N TRP A 115 -0.46 -25.91 17.88
CA TRP A 115 -1.57 -25.01 18.15
C TRP A 115 -2.85 -25.48 17.47
N VAL A 116 -3.96 -24.94 17.96
CA VAL A 116 -5.29 -25.16 17.38
C VAL A 116 -5.90 -23.78 17.14
N TYR A 117 -6.42 -23.56 15.94
CA TYR A 117 -6.83 -22.25 15.50
C TYR A 117 -8.34 -22.18 15.27
N ASP A 118 -8.88 -20.97 15.41
CA ASP A 118 -10.28 -20.71 15.15
C ASP A 118 -10.50 -20.58 13.64
N ARG A 119 -11.26 -21.50 13.06
CA ARG A 119 -11.51 -21.55 11.63
C ARG A 119 -12.82 -20.89 11.22
N SER A 120 -13.50 -20.20 12.15
CA SER A 120 -14.85 -19.72 11.85
C SER A 120 -14.84 -18.58 10.85
N ILE A 121 -13.93 -17.62 11.01
CA ILE A 121 -13.92 -16.46 10.12
C ILE A 121 -13.16 -16.81 8.85
N PHE A 122 -11.93 -17.27 8.99
CA PHE A 122 -11.08 -17.63 7.86
C PHE A 122 -10.79 -19.12 7.89
N THR A 123 -10.87 -19.75 6.71
CA THR A 123 -10.58 -21.16 6.61
C THR A 123 -9.09 -21.42 6.76
N SER A 124 -8.25 -20.51 6.26
CA SER A 124 -6.81 -20.65 6.44
C SER A 124 -6.13 -19.30 6.23
N THR A 125 -5.01 -19.13 6.93
CA THR A 125 -4.16 -17.96 6.79
C THR A 125 -2.72 -18.42 6.93
N ILE A 126 -1.78 -17.59 6.46
CA ILE A 126 -0.38 -17.98 6.58
C ILE A 126 0.01 -18.15 8.04
N VAL A 127 -0.60 -17.36 8.93
CA VAL A 127 -0.32 -17.49 10.36
C VAL A 127 -0.69 -18.87 10.84
N ALA A 128 -1.84 -19.40 10.40
CA ALA A 128 -2.24 -20.74 10.81
C ALA A 128 -1.39 -21.80 10.14
N LYS A 129 -0.92 -21.56 8.92
CA LYS A 129 -0.19 -22.59 8.20
C LYS A 129 1.21 -22.78 8.76
N TRP A 130 1.94 -21.68 8.96
CA TRP A 130 3.33 -21.74 9.39
C TRP A 130 3.53 -21.35 10.85
N ASN A 131 2.44 -21.26 11.63
CA ASN A 131 2.53 -21.02 13.06
C ASN A 131 3.39 -19.79 13.36
N LEU A 132 2.97 -18.65 12.78
CA LEU A 132 3.63 -17.38 13.05
C LEU A 132 3.09 -16.77 14.34
N VAL A 133 3.27 -17.52 15.44
CA VAL A 133 2.72 -17.15 16.73
C VAL A 133 3.74 -17.37 17.84
N CYS A 134 3.50 -16.70 18.98
CA CYS A 134 4.31 -16.82 20.19
C CYS A 134 5.74 -16.44 19.83
N ASP A 135 6.73 -17.32 19.99
CA ASP A 135 8.12 -16.94 19.74
C ASP A 135 8.32 -16.47 18.30
N SER A 136 7.46 -16.92 17.38
CA SER A 136 7.55 -16.58 15.97
C SER A 136 6.73 -15.36 15.60
N HIS A 137 6.11 -14.69 16.58
CA HIS A 137 5.11 -13.68 16.27
C HIS A 137 5.70 -12.51 15.48
N ALA A 138 7.01 -12.28 15.60
CA ALA A 138 7.64 -11.18 14.88
C ALA A 138 7.68 -11.42 13.38
N LEU A 139 7.41 -12.65 12.93
CA LEU A 139 7.62 -13.00 11.53
C LEU A 139 6.56 -12.42 10.61
N LYS A 140 5.36 -12.13 11.12
CA LYS A 140 4.35 -11.48 10.27
C LYS A 140 4.78 -10.09 9.86
N PRO A 141 5.04 -9.16 10.78
CA PRO A 141 5.55 -7.85 10.36
C PRO A 141 6.86 -7.93 9.61
N MET A 142 7.66 -8.97 9.83
CA MET A 142 8.84 -9.16 9.00
C MET A 142 8.45 -9.44 7.55
N ALA A 143 7.42 -10.25 7.34
CA ALA A 143 6.95 -10.52 5.99
C ALA A 143 6.45 -9.24 5.32
N GLN A 144 5.71 -8.43 6.06
CA GLN A 144 5.23 -7.17 5.51
C GLN A 144 6.39 -6.23 5.20
N SER A 145 7.40 -6.20 6.07
CA SER A 145 8.57 -5.38 5.84
C SER A 145 9.33 -5.83 4.61
N ILE A 146 9.42 -7.14 4.40
CA ILE A 146 10.12 -7.65 3.23
C ILE A 146 9.38 -7.28 1.96
N TYR A 147 8.04 -7.32 1.99
CA TYR A 147 7.27 -6.87 0.85
C TYR A 147 7.54 -5.39 0.54
N LEU A 148 7.42 -4.53 1.55
CA LEU A 148 7.60 -3.10 1.32
C LEU A 148 9.04 -2.75 0.95
N ALA A 149 10.02 -3.50 1.48
CA ALA A 149 11.40 -3.36 1.03
C ALA A 149 11.57 -3.79 -0.41
N GLY A 150 10.85 -4.83 -0.82
CA GLY A 150 10.83 -5.18 -2.23
C GLY A 150 10.35 -4.03 -3.09
N ILE A 151 9.34 -3.29 -2.61
CA ILE A 151 8.89 -2.15 -3.40
C ILE A 151 9.94 -1.05 -3.43
N LEU A 152 10.65 -0.83 -2.31
CA LEU A 152 11.74 0.16 -2.32
C LEU A 152 12.78 -0.20 -3.38
N VAL A 153 13.27 -1.44 -3.34
CA VAL A 153 14.30 -1.87 -4.29
C VAL A 153 13.77 -1.81 -5.71
N GLY A 154 12.50 -2.16 -5.90
CA GLY A 154 11.94 -2.13 -7.24
C GLY A 154 11.83 -0.73 -7.80
N ALA A 155 11.46 0.24 -6.95
CA ALA A 155 11.44 1.62 -7.41
C ALA A 155 12.83 2.13 -7.71
N ALA A 156 13.83 1.72 -6.92
CA ALA A 156 15.20 2.15 -7.21
C ALA A 156 15.68 1.58 -8.54
N ALA A 157 15.33 0.33 -8.86
CA ALA A 157 15.75 -0.28 -10.11
C ALA A 157 14.87 0.11 -11.29
N CYS A 158 13.68 0.65 -11.04
CA CYS A 158 12.75 0.96 -12.13
C CYS A 158 13.23 2.13 -12.97
N GLY A 159 13.77 3.17 -12.33
CA GLY A 159 14.13 4.37 -13.01
C GLY A 159 15.05 4.13 -14.19
N PRO A 160 16.24 3.59 -13.93
CA PRO A 160 17.16 3.28 -15.04
C PRO A 160 16.56 2.37 -16.10
N ALA A 161 15.83 1.33 -15.69
CA ALA A 161 15.23 0.43 -16.67
C ALA A 161 14.13 1.13 -17.45
N SER A 162 13.30 1.93 -16.78
CA SER A 162 12.25 2.66 -17.48
C SER A 162 12.85 3.61 -18.51
N ASP A 163 13.94 4.29 -18.16
CA ASP A 163 14.56 5.23 -19.08
C ASP A 163 15.28 4.53 -20.22
N ARG A 164 15.84 3.35 -19.98
CA ARG A 164 16.61 2.70 -21.05
C ARG A 164 15.71 1.91 -22.00
N PHE A 165 14.68 1.22 -21.49
CA PHE A 165 13.88 0.30 -22.27
C PHE A 165 12.50 0.82 -22.63
N GLY A 166 12.03 1.88 -21.98
CA GLY A 166 10.74 2.46 -22.31
C GLY A 166 9.73 2.26 -21.19
N ARG A 167 8.71 3.11 -21.21
CA ARG A 167 7.66 3.02 -20.20
C ARG A 167 6.82 1.77 -20.40
N ARG A 168 6.36 1.54 -21.64
CA ARG A 168 5.39 0.46 -21.86
C ARG A 168 6.06 -0.91 -21.74
N LEU A 169 7.29 -1.07 -22.21
CA LEU A 169 7.94 -2.37 -22.17
C LEU A 169 8.16 -2.83 -20.73
N VAL A 170 8.65 -1.91 -19.89
CA VAL A 170 8.85 -2.22 -18.48
C VAL A 170 7.52 -2.45 -17.79
N LEU A 171 6.48 -1.68 -18.16
CA LEU A 171 5.15 -1.92 -17.60
C LEU A 171 4.64 -3.31 -17.96
N THR A 172 4.88 -3.73 -19.20
CA THR A 172 4.44 -5.04 -19.67
C THR A 172 5.08 -6.16 -18.87
N TRP A 173 6.40 -6.13 -18.77
CA TRP A 173 7.07 -7.20 -18.03
C TRP A 173 6.85 -7.09 -16.53
N SER A 174 6.50 -5.90 -16.03
CA SER A 174 6.06 -5.76 -14.65
C SER A 174 4.74 -6.50 -14.43
N TYR A 175 3.79 -6.35 -15.37
CA TYR A 175 2.54 -7.09 -15.24
C TYR A 175 2.79 -8.59 -15.26
N LEU A 176 3.65 -9.06 -16.17
CA LEU A 176 3.92 -10.49 -16.20
C LEU A 176 4.55 -10.97 -14.90
N GLN A 177 5.52 -10.22 -14.37
CA GLN A 177 6.16 -10.61 -13.12
C GLN A 177 5.19 -10.60 -11.96
N MET A 178 4.28 -9.62 -11.90
CA MET A 178 3.27 -9.62 -10.86
C MET A 178 2.41 -10.86 -10.91
N ALA A 179 1.91 -11.21 -12.11
CA ALA A 179 1.09 -12.41 -12.22
C ALA A 179 1.86 -13.65 -11.78
N VAL A 180 3.08 -13.81 -12.30
CA VAL A 180 3.84 -15.03 -12.04
C VAL A 180 4.18 -15.14 -10.55
N MET A 181 4.64 -14.05 -9.95
CA MET A 181 5.08 -14.12 -8.57
C MET A 181 3.92 -14.20 -7.59
N GLY A 182 2.79 -13.57 -7.88
CA GLY A 182 1.62 -13.77 -7.05
C GLY A 182 1.11 -15.20 -7.11
N THR A 183 1.07 -15.78 -8.32
CA THR A 183 0.68 -17.18 -8.44
C THR A 183 1.67 -18.10 -7.72
N ALA A 184 2.97 -17.78 -7.77
CA ALA A 184 3.97 -18.59 -7.10
C ALA A 184 3.84 -18.48 -5.58
N ALA A 185 3.59 -17.26 -5.07
CA ALA A 185 3.38 -17.08 -3.64
C ALA A 185 2.17 -17.86 -3.17
N ALA A 186 1.12 -17.91 -3.99
CA ALA A 186 -0.10 -18.60 -3.58
C ALA A 186 0.14 -20.09 -3.29
N PHE A 187 1.18 -20.69 -3.87
CA PHE A 187 1.46 -22.11 -3.70
C PHE A 187 2.78 -22.38 -2.99
N ALA A 188 3.32 -21.42 -2.27
CA ALA A 188 4.65 -21.58 -1.69
C ALA A 188 4.64 -22.75 -0.70
N PRO A 189 5.73 -23.53 -0.63
CA PRO A 189 5.77 -24.65 0.33
C PRO A 189 6.24 -24.25 1.71
N ALA A 190 7.00 -23.17 1.85
CA ALA A 190 7.56 -22.81 3.14
C ALA A 190 7.66 -21.30 3.24
N PHE A 191 7.80 -20.82 4.47
CA PHE A 191 7.70 -19.40 4.77
C PHE A 191 8.79 -18.58 4.09
N PRO A 192 10.06 -19.02 4.14
CA PRO A 192 11.11 -18.28 3.42
C PRO A 192 10.82 -18.14 1.93
N VAL A 193 10.28 -19.19 1.31
CA VAL A 193 9.95 -19.13 -0.12
C VAL A 193 8.80 -18.15 -0.35
N TYR A 194 7.83 -18.15 0.56
CA TYR A 194 6.74 -17.19 0.48
C TYR A 194 7.27 -15.76 0.54
N CYS A 195 8.23 -15.50 1.45
CA CYS A 195 8.82 -14.17 1.54
C CYS A 195 9.60 -13.82 0.27
N LEU A 196 10.33 -14.77 -0.29
CA LEU A 196 11.05 -14.53 -1.53
C LEU A 196 10.10 -14.11 -2.65
N PHE A 197 8.98 -14.83 -2.79
CA PHE A 197 8.06 -14.52 -3.88
C PHE A 197 7.29 -13.23 -3.64
N ARG A 198 6.94 -12.92 -2.38
CA ARG A 198 6.31 -11.64 -2.12
C ARG A 198 7.27 -10.49 -2.39
N PHE A 199 8.55 -10.68 -2.09
CA PHE A 199 9.55 -9.66 -2.41
C PHE A 199 9.63 -9.44 -3.91
N LEU A 200 9.70 -10.53 -4.69
CA LEU A 200 9.81 -10.39 -6.14
C LEU A 200 8.52 -9.85 -6.75
N LEU A 201 7.37 -10.08 -6.10
CA LEU A 201 6.11 -9.47 -6.53
C LEU A 201 6.11 -7.96 -6.27
N ALA A 202 6.61 -7.54 -5.11
CA ALA A 202 6.69 -6.11 -4.81
C ALA A 202 7.63 -5.39 -5.77
N PHE A 203 8.73 -6.07 -6.12
CA PHE A 203 9.67 -5.51 -7.08
C PHE A 203 9.00 -5.13 -8.39
N ALA A 204 7.96 -5.86 -8.80
CA ALA A 204 7.19 -5.55 -10.00
C ALA A 204 6.06 -4.56 -9.73
N VAL A 205 5.50 -4.61 -8.52
CA VAL A 205 4.50 -3.62 -8.13
C VAL A 205 5.06 -2.21 -8.30
N ALA A 206 6.32 -2.02 -7.90
CA ALA A 206 6.95 -0.71 -8.04
C ALA A 206 6.95 -0.26 -9.50
N GLY A 207 7.30 -1.17 -10.42
CA GLY A 207 7.35 -0.82 -11.82
C GLY A 207 5.99 -0.45 -12.38
N VAL A 208 4.96 -1.21 -12.03
CA VAL A 208 3.61 -0.85 -12.47
C VAL A 208 3.24 0.53 -11.94
N MET A 209 3.46 0.76 -10.64
CA MET A 209 3.06 2.03 -10.05
C MET A 209 3.70 3.20 -10.77
N MET A 210 5.01 3.15 -10.98
CA MET A 210 5.70 4.28 -11.57
C MET A 210 5.31 4.47 -13.04
N ASN A 211 5.31 3.38 -13.81
CA ASN A 211 5.15 3.53 -15.25
C ASN A 211 3.73 3.89 -15.65
N THR A 212 2.71 3.43 -14.91
CA THR A 212 1.36 3.83 -15.27
C THR A 212 1.20 5.35 -15.18
N GLY A 213 1.60 5.93 -14.05
CA GLY A 213 1.52 7.36 -13.90
C GLY A 213 2.36 8.10 -14.93
N THR A 214 3.58 7.62 -15.17
CA THR A 214 4.45 8.31 -16.12
C THR A 214 3.84 8.30 -17.52
N LEU A 215 3.32 7.16 -17.96
CA LEU A 215 2.74 7.02 -19.30
C LEU A 215 1.46 7.84 -19.44
N LEU A 216 0.62 7.84 -18.40
CA LEU A 216 -0.57 8.68 -18.41
C LEU A 216 -0.21 10.15 -18.57
N MET A 217 0.77 10.61 -17.81
CA MET A 217 1.19 12.01 -17.93
C MET A 217 1.76 12.31 -19.30
N GLU A 218 2.58 11.39 -19.83
CA GLU A 218 3.23 11.62 -21.11
C GLU A 218 2.31 11.50 -22.31
N TRP A 219 1.06 11.03 -22.13
CA TRP A 219 0.09 11.04 -23.22
C TRP A 219 -1.07 12.01 -23.00
N THR A 220 -1.04 12.85 -21.98
CA THR A 220 -2.15 13.73 -21.65
C THR A 220 -1.76 15.20 -21.84
N ALA A 221 -2.66 15.97 -22.47
CA ALA A 221 -2.46 17.40 -22.61
C ALA A 221 -2.54 18.09 -21.25
N ALA A 222 -1.86 19.23 -21.14
CA ALA A 222 -1.59 19.82 -19.83
C ALA A 222 -2.86 20.21 -19.08
N ARG A 223 -3.91 20.62 -19.79
CA ARG A 223 -5.11 21.11 -19.10
C ARG A 223 -5.78 20.01 -18.30
N ALA A 224 -5.62 18.75 -18.72
CA ALA A 224 -6.28 17.60 -18.09
C ALA A 224 -5.34 16.78 -17.21
N ARG A 225 -4.06 17.13 -17.13
CA ARG A 225 -3.11 16.27 -16.43
C ARG A 225 -3.42 16.11 -14.95
N PRO A 226 -3.73 17.17 -14.19
CA PRO A 226 -4.08 16.99 -12.77
C PRO A 226 -5.29 16.09 -12.57
N LEU A 227 -6.30 16.21 -13.43
CA LEU A 227 -7.47 15.34 -13.33
C LEU A 227 -7.08 13.89 -13.54
N VAL A 228 -6.20 13.64 -14.51
CA VAL A 228 -5.79 12.27 -14.80
C VAL A 228 -5.00 11.69 -13.63
N MET A 229 -4.12 12.49 -13.02
CA MET A 229 -3.42 12.03 -11.82
C MET A 229 -4.41 11.72 -10.70
N THR A 230 -5.46 12.52 -10.57
CA THR A 230 -6.45 12.26 -9.53
C THR A 230 -7.21 10.97 -9.79
N LEU A 231 -7.59 10.71 -11.05
CA LEU A 231 -8.29 9.46 -11.36
C LEU A 231 -7.39 8.25 -11.09
N ASN A 232 -6.12 8.35 -11.49
CA ASN A 232 -5.19 7.28 -11.19
C ASN A 232 -5.04 7.07 -9.69
N SER A 233 -5.19 8.13 -8.90
CA SER A 233 -5.16 8.01 -7.45
C SER A 233 -6.45 7.45 -6.87
N LEU A 234 -7.59 7.67 -7.52
CA LEU A 234 -8.83 7.05 -7.08
C LEU A 234 -8.86 5.56 -7.38
N GLY A 235 -8.00 5.12 -8.29
CA GLY A 235 -7.85 3.68 -8.49
C GLY A 235 -7.60 2.92 -7.20
N PHE A 236 -6.71 3.45 -6.35
CA PHE A 236 -6.46 2.81 -5.05
C PHE A 236 -7.68 2.85 -4.15
N SER A 237 -8.42 3.96 -4.18
CA SER A 237 -9.63 4.07 -3.37
C SER A 237 -10.60 2.95 -3.68
N PHE A 238 -10.83 2.69 -4.97
CA PHE A 238 -11.68 1.56 -5.33
C PHE A 238 -10.99 0.24 -5.06
N GLY A 239 -9.66 0.21 -5.03
CA GLY A 239 -8.95 -1.00 -4.68
C GLY A 239 -9.24 -1.46 -3.26
N HIS A 240 -9.43 -0.53 -2.33
CA HIS A 240 -9.79 -0.91 -0.96
C HIS A 240 -11.14 -1.64 -0.92
N GLY A 241 -12.15 -1.05 -1.57
CA GLY A 241 -13.44 -1.71 -1.63
C GLY A 241 -13.36 -3.06 -2.32
N LEU A 242 -12.56 -3.15 -3.37
CA LEU A 242 -12.41 -4.43 -4.06
C LEU A 242 -11.75 -5.46 -3.15
N THR A 243 -10.77 -5.05 -2.37
CA THR A 243 -10.15 -5.96 -1.41
C THR A 243 -11.18 -6.52 -0.45
N ALA A 244 -12.00 -5.65 0.13
CA ALA A 244 -13.03 -6.12 1.05
C ALA A 244 -14.00 -7.06 0.33
N ALA A 245 -14.40 -6.70 -0.89
CA ALA A 245 -15.42 -7.47 -1.60
C ALA A 245 -14.92 -8.87 -1.94
N VAL A 246 -13.66 -8.99 -2.37
CA VAL A 246 -13.10 -10.29 -2.71
C VAL A 246 -12.84 -11.11 -1.45
N ALA A 247 -12.19 -10.50 -0.45
CA ALA A 247 -11.81 -11.27 0.74
C ALA A 247 -13.01 -11.71 1.55
N TYR A 248 -14.14 -10.99 1.44
CA TYR A 248 -15.35 -11.42 2.12
C TYR A 248 -15.88 -12.73 1.53
N GLY A 249 -15.61 -13.00 0.27
CA GLY A 249 -16.12 -14.20 -0.38
C GLY A 249 -15.15 -15.36 -0.34
N VAL A 250 -13.85 -15.09 -0.45
CA VAL A 250 -12.82 -16.11 -0.49
C VAL A 250 -12.09 -16.08 0.85
N ARG A 251 -12.20 -17.19 1.60
CA ARG A 251 -11.68 -17.27 2.96
C ARG A 251 -10.45 -18.15 3.10
N ASP A 252 -9.84 -18.57 1.99
CA ASP A 252 -8.61 -19.35 2.01
C ASP A 252 -7.50 -18.53 1.39
N TRP A 253 -6.36 -18.43 2.10
CA TRP A 253 -5.31 -17.51 1.67
C TRP A 253 -4.71 -17.91 0.33
N THR A 254 -4.53 -19.20 0.08
CA THR A 254 -4.01 -19.64 -1.21
C THR A 254 -4.93 -19.22 -2.35
N LEU A 255 -6.22 -19.53 -2.21
CA LEU A 255 -7.18 -19.19 -3.26
C LEU A 255 -7.34 -17.68 -3.40
N LEU A 256 -7.27 -16.95 -2.28
CA LEU A 256 -7.43 -15.50 -2.34
C LEU A 256 -6.26 -14.83 -3.06
N GLN A 257 -5.04 -15.25 -2.71
CA GLN A 257 -3.83 -14.75 -3.37
C GLN A 257 -3.83 -15.11 -4.86
N LEU A 258 -4.23 -16.33 -5.20
CA LEU A 258 -4.34 -16.72 -6.59
C LEU A 258 -5.39 -15.87 -7.31
N VAL A 259 -6.54 -15.63 -6.68
CA VAL A 259 -7.62 -14.89 -7.31
C VAL A 259 -7.19 -13.47 -7.61
N VAL A 260 -6.49 -12.82 -6.68
CA VAL A 260 -6.02 -11.47 -6.92
C VAL A 260 -4.79 -11.41 -7.82
N SER A 261 -4.12 -12.54 -8.04
CA SER A 261 -2.98 -12.53 -8.96
C SER A 261 -3.38 -12.75 -10.41
N VAL A 262 -4.32 -13.66 -10.68
CA VAL A 262 -4.57 -14.07 -12.06
C VAL A 262 -4.92 -12.90 -12.98
N PRO A 263 -5.71 -11.90 -12.56
CA PRO A 263 -6.02 -10.79 -13.49
C PRO A 263 -4.81 -10.17 -14.19
N PHE A 264 -3.61 -10.28 -13.61
CA PHE A 264 -2.48 -9.59 -14.23
C PHE A 264 -1.97 -10.32 -15.47
N PHE A 265 -2.35 -11.57 -15.69
CA PHE A 265 -2.13 -12.18 -17.00
C PHE A 265 -2.91 -11.44 -18.08
N LEU A 266 -4.16 -11.07 -17.79
CA LEU A 266 -4.92 -10.28 -18.74
C LEU A 266 -4.34 -8.88 -18.88
N CYS A 267 -3.88 -8.29 -17.78
CA CYS A 267 -3.22 -6.98 -17.89
C CYS A 267 -1.99 -7.07 -18.78
N PHE A 268 -1.18 -8.13 -18.60
CA PHE A 268 -0.04 -8.37 -19.46
C PHE A 268 -0.45 -8.46 -20.92
N LEU A 269 -1.52 -9.21 -21.20
CA LEU A 269 -1.92 -9.42 -22.58
C LEU A 269 -2.44 -8.14 -23.23
N TYR A 270 -3.21 -7.32 -22.49
CA TYR A 270 -3.74 -6.12 -23.12
C TYR A 270 -2.76 -4.95 -23.10
N SER A 271 -1.68 -5.02 -22.33
CA SER A 271 -0.70 -3.95 -22.38
C SER A 271 -0.01 -3.85 -23.73
N TRP A 272 0.02 -4.93 -24.50
CA TRP A 272 0.68 -4.90 -25.81
C TRP A 272 -0.05 -3.99 -26.79
N TRP A 273 -1.34 -3.72 -26.56
CA TRP A 273 -2.09 -2.86 -27.44
C TRP A 273 -1.97 -1.38 -27.07
N LEU A 274 -1.28 -1.05 -25.99
CA LEU A 274 -0.98 0.34 -25.68
C LEU A 274 0.22 0.81 -26.50
N PRO A 275 0.30 2.11 -26.80
CA PRO A 275 1.48 2.63 -27.51
C PRO A 275 2.60 3.05 -26.56
N GLU A 276 3.83 2.85 -27.01
CA GLU A 276 4.99 3.36 -26.29
C GLU A 276 5.02 4.87 -26.35
N SER A 277 5.53 5.50 -25.29
CA SER A 277 5.43 6.95 -25.18
C SER A 277 6.12 7.64 -26.34
N ALA A 278 5.43 8.60 -26.96
CA ALA A 278 6.00 9.36 -28.06
C ALA A 278 7.13 10.27 -27.60
N ARG A 279 6.99 10.87 -26.42
CA ARG A 279 8.07 11.71 -25.89
C ARG A 279 9.34 10.89 -25.72
N TRP A 280 9.22 9.67 -25.20
CA TRP A 280 10.37 8.81 -25.02
C TRP A 280 11.01 8.45 -26.36
N LEU A 281 10.19 8.07 -27.35
CA LEU A 281 10.72 7.67 -28.64
C LEU A 281 11.41 8.82 -29.36
N ILE A 282 10.92 10.04 -29.15
CA ILE A 282 11.55 11.21 -29.78
C ILE A 282 12.82 11.59 -29.04
N ILE A 283 12.79 11.55 -27.71
CA ILE A 283 13.97 11.91 -26.92
C ILE A 283 15.11 10.95 -27.21
N LYS A 284 14.79 9.66 -27.40
CA LYS A 284 15.79 8.66 -27.73
C LYS A 284 16.12 8.62 -29.21
N GLY A 285 15.67 9.61 -29.99
CA GLY A 285 16.12 9.72 -31.36
C GLY A 285 15.62 8.63 -32.29
N LYS A 286 14.34 8.26 -32.19
CA LYS A 286 13.72 7.27 -33.07
C LYS A 286 12.46 7.86 -33.67
N PRO A 287 12.60 8.81 -34.61
CA PRO A 287 11.41 9.45 -35.18
C PRO A 287 10.51 8.50 -35.95
N ASP A 288 11.07 7.52 -36.65
CA ASP A 288 10.25 6.64 -37.48
C ASP A 288 9.25 5.86 -36.64
N GLN A 289 9.61 5.51 -35.41
CA GLN A 289 8.72 4.78 -34.53
C GLN A 289 7.73 5.71 -33.82
N ALA A 290 8.20 6.90 -33.43
CA ALA A 290 7.33 7.88 -32.80
C ALA A 290 6.20 8.27 -33.75
N LEU A 291 6.50 8.43 -35.03
CA LEU A 291 5.47 8.78 -36.00
C LEU A 291 4.39 7.70 -36.05
N GLN A 292 4.81 6.43 -36.11
CA GLN A 292 3.85 5.34 -36.16
C GLN A 292 2.94 5.36 -34.95
N GLU A 293 3.52 5.50 -33.75
CA GLU A 293 2.70 5.40 -32.55
C GLU A 293 1.96 6.69 -32.22
N LEU A 294 2.27 7.81 -32.89
CA LEU A 294 1.41 8.98 -32.80
C LEU A 294 0.21 8.84 -33.73
N ARG A 295 0.43 8.46 -34.99
CA ARG A 295 -0.71 8.36 -35.89
C ARG A 295 -1.58 7.15 -35.55
N LYS A 296 -1.05 6.18 -34.81
CA LYS A 296 -1.90 5.12 -34.26
C LYS A 296 -2.94 5.68 -33.31
N VAL A 297 -2.53 6.60 -32.43
CA VAL A 297 -3.49 7.25 -31.53
C VAL A 297 -4.42 8.16 -32.30
N ALA A 298 -3.90 8.86 -33.32
CA ALA A 298 -4.78 9.69 -34.13
C ALA A 298 -5.89 8.87 -34.75
N ARG A 299 -5.60 7.61 -35.10
CA ARG A 299 -6.65 6.74 -35.62
C ARG A 299 -7.73 6.47 -34.57
N ILE A 300 -7.33 6.27 -33.32
CA ILE A 300 -8.30 5.95 -32.27
C ILE A 300 -9.16 7.17 -31.96
N ASN A 301 -8.53 8.35 -31.85
CA ASN A 301 -9.29 9.56 -31.54
C ASN A 301 -10.18 10.00 -32.69
N GLY A 302 -10.11 9.35 -33.84
CA GLY A 302 -11.02 9.67 -34.93
C GLY A 302 -10.65 10.89 -35.73
N HIS A 303 -9.36 11.19 -35.86
CA HIS A 303 -8.91 12.37 -36.57
C HIS A 303 -8.60 12.07 -38.03
N LYS A 304 -8.90 13.04 -38.89
CA LYS A 304 -8.40 13.01 -40.27
C LYS A 304 -6.90 13.26 -40.33
N GLU A 305 -6.32 13.85 -39.27
CA GLU A 305 -4.95 14.30 -39.30
C GLU A 305 -3.95 13.15 -39.42
N ALA A 306 -4.40 11.90 -39.32
CA ALA A 306 -3.49 10.79 -39.56
C ALA A 306 -2.92 10.81 -40.98
N LYS A 307 -3.58 11.51 -41.90
CA LYS A 307 -3.03 11.76 -43.22
C LYS A 307 -2.03 12.92 -43.21
N ASN A 308 -2.08 13.77 -42.19
CA ASN A 308 -1.27 14.98 -42.13
C ASN A 308 0.04 14.77 -41.38
N LEU A 309 0.03 13.89 -40.38
CA LEU A 309 1.25 13.63 -39.61
C LEU A 309 2.35 13.13 -40.54
N THR A 310 3.50 13.79 -40.48
CA THR A 310 4.62 13.47 -41.35
C THR A 310 5.93 13.73 -40.62
N ILE A 311 7.01 13.13 -41.13
CA ILE A 311 8.27 13.14 -40.40
C ILE A 311 8.76 14.56 -40.19
N GLU A 312 8.69 15.40 -41.23
CA GLU A 312 9.22 16.77 -41.10
C GLU A 312 8.46 17.55 -40.04
N VAL A 313 7.13 17.42 -40.03
CA VAL A 313 6.33 18.07 -39.00
C VAL A 313 6.69 17.52 -37.62
N LEU A 314 6.86 16.20 -37.52
CA LEU A 314 7.17 15.58 -36.24
C LEU A 314 8.50 16.11 -35.69
N MET A 315 9.51 16.18 -36.55
CA MET A 315 10.82 16.67 -36.12
C MET A 315 10.76 18.15 -35.76
N SER A 316 10.07 18.95 -36.58
CA SER A 316 10.04 20.39 -36.34
C SER A 316 9.24 20.74 -35.09
N SER A 317 8.32 19.88 -34.66
CA SER A 317 7.48 20.21 -33.52
C SER A 317 8.15 19.96 -32.17
N VAL A 318 9.29 19.27 -32.13
CA VAL A 318 9.94 18.93 -30.86
C VAL A 318 11.40 19.37 -30.88
N LYS A 319 11.69 20.47 -31.58
CA LYS A 319 13.07 20.89 -31.79
C LYS A 319 13.82 21.16 -30.47
N GLU A 320 13.11 21.54 -29.41
CA GLU A 320 13.78 21.98 -28.18
C GLU A 320 14.17 20.82 -27.28
N GLU A 321 13.28 19.83 -27.15
CA GLU A 321 13.43 18.81 -26.12
C GLU A 321 14.67 17.96 -26.39
N VAL A 322 14.81 17.46 -27.62
CA VAL A 322 15.94 16.60 -27.92
C VAL A 322 17.25 17.35 -27.72
N ALA A 323 17.25 18.66 -27.93
CA ALA A 323 18.46 19.45 -27.78
C ALA A 323 18.78 19.83 -26.33
N SER A 324 17.79 19.79 -25.42
CA SER A 324 18.06 20.28 -24.06
C SER A 324 17.77 19.28 -22.93
N ALA A 325 17.10 18.15 -23.14
CA ALA A 325 16.74 17.24 -22.06
C ALA A 325 17.90 16.31 -21.70
N LYS A 326 18.95 16.89 -21.11
CA LYS A 326 20.21 16.17 -20.91
C LYS A 326 20.82 16.43 -19.52
N GLU A 327 20.00 16.51 -18.47
CA GLU A 327 20.48 16.83 -17.12
C GLU A 327 19.97 15.81 -16.10
N PRO A 328 20.55 14.61 -16.07
CA PRO A 328 20.28 13.64 -14.98
C PRO A 328 21.07 13.95 -13.72
N ARG A 329 20.67 15.03 -13.04
CA ARG A 329 21.45 15.53 -11.91
C ARG A 329 21.39 14.59 -10.71
N SER A 330 22.47 14.57 -9.93
CA SER A 330 22.52 13.78 -8.72
C SER A 330 21.63 14.36 -7.64
N VAL A 331 21.17 13.49 -6.73
CA VAL A 331 20.33 13.92 -5.62
C VAL A 331 21.05 14.95 -4.76
N LEU A 332 22.37 14.84 -4.65
CA LEU A 332 23.11 15.69 -3.72
C LEU A 332 23.02 17.16 -4.09
N ASP A 333 22.71 17.48 -5.36
CA ASP A 333 22.59 18.88 -5.75
C ASP A 333 21.52 19.58 -4.94
N LEU A 334 20.45 18.86 -4.57
CA LEU A 334 19.40 19.46 -3.75
C LEU A 334 19.97 19.98 -2.43
N PHE A 335 20.91 19.25 -1.84
CA PHE A 335 21.56 19.68 -0.60
C PHE A 335 22.70 20.66 -0.84
N CYS A 336 23.20 20.73 -2.07
CA CYS A 336 24.34 21.61 -2.35
C CYS A 336 23.92 23.07 -2.41
N VAL A 337 22.75 23.34 -2.98
CA VAL A 337 22.25 24.71 -3.11
C VAL A 337 21.75 25.17 -1.74
N PRO A 338 22.27 26.27 -1.19
CA PRO A 338 21.87 26.65 0.17
C PRO A 338 20.37 26.82 0.34
N GLY A 339 19.69 27.41 -0.65
CA GLY A 339 18.27 27.70 -0.47
C GLY A 339 17.41 26.46 -0.53
N LEU A 340 17.75 25.53 -1.42
CA LEU A 340 16.89 24.37 -1.66
C LEU A 340 17.07 23.27 -0.63
N ARG A 341 18.17 23.29 0.13
CA ARG A 341 18.48 22.19 1.05
C ARG A 341 17.33 21.98 2.04
N PHE A 342 16.89 23.06 2.68
CA PHE A 342 15.91 22.95 3.75
C PHE A 342 14.50 22.68 3.22
N ARG A 343 14.16 23.28 2.07
CA ARG A 343 12.91 22.93 1.41
C ARG A 343 12.88 21.44 1.10
N THR A 344 13.99 20.91 0.59
CA THR A 344 14.07 19.49 0.28
C THR A 344 13.86 18.66 1.54
N CYS A 345 14.51 19.05 2.63
CA CYS A 345 14.31 18.35 3.90
C CYS A 345 12.83 18.27 4.25
N ILE A 346 12.14 19.40 4.21
CA ILE A 346 10.75 19.44 4.68
C ILE A 346 9.84 18.63 3.75
N SER A 347 10.00 18.78 2.43
CA SER A 347 9.15 18.03 1.51
C SER A 347 9.41 16.53 1.58
N THR A 348 10.66 16.13 1.78
CA THR A 348 10.96 14.72 1.96
C THR A 348 10.32 14.19 3.23
N LEU A 349 10.32 14.98 4.30
CA LEU A 349 9.63 14.56 5.52
C LEU A 349 8.13 14.40 5.27
N CYS A 350 7.53 15.26 4.44
CA CYS A 350 6.11 15.10 4.14
C CYS A 350 5.84 13.85 3.32
N TRP A 351 6.73 13.47 2.40
CA TRP A 351 6.55 12.18 1.73
C TRP A 351 6.70 11.04 2.72
N PHE A 352 7.69 11.12 3.61
CA PHE A 352 7.96 10.05 4.55
C PHE A 352 6.74 9.76 5.43
N ALA A 353 6.11 10.83 5.93
CA ALA A 353 5.00 10.66 6.88
C ALA A 353 3.85 9.88 6.27
N PHE A 354 3.55 10.11 4.99
CA PHE A 354 2.44 9.39 4.38
C PHE A 354 2.67 7.89 4.46
N GLY A 355 3.75 7.40 3.88
CA GLY A 355 3.99 5.97 3.86
C GLY A 355 4.07 5.41 5.26
N PHE A 356 4.82 6.08 6.15
CA PHE A 356 4.98 5.59 7.51
C PHE A 356 3.62 5.39 8.17
N THR A 357 2.78 6.43 8.17
CA THR A 357 1.50 6.34 8.87
C THR A 357 0.55 5.38 8.16
N PHE A 358 0.43 5.49 6.84
CA PHE A 358 -0.58 4.71 6.12
C PHE A 358 -0.30 3.22 6.22
N PHE A 359 0.95 2.80 5.97
CA PHE A 359 1.23 1.37 6.05
C PHE A 359 1.57 0.93 7.47
N GLY A 360 1.66 1.84 8.43
CA GLY A 360 1.54 1.46 9.81
C GLY A 360 0.14 1.03 10.17
N LEU A 361 -0.85 1.85 9.83
CA LEU A 361 -2.21 1.63 10.32
C LEU A 361 -3.04 0.72 9.42
N ALA A 362 -2.99 0.93 8.10
CA ALA A 362 -3.85 0.23 7.17
C ALA A 362 -3.59 -1.26 7.10
N LEU A 363 -2.45 -1.73 7.63
CA LEU A 363 -2.09 -3.14 7.55
C LEU A 363 -2.31 -3.88 8.87
N ASP A 364 -2.95 -3.25 9.85
CA ASP A 364 -3.38 -3.90 11.08
C ASP A 364 -4.78 -3.45 11.46
N LEU A 365 -5.73 -3.53 10.52
CA LEU A 365 -7.10 -3.13 10.83
C LEU A 365 -7.68 -3.96 11.96
N GLN A 366 -7.15 -5.16 12.19
CA GLN A 366 -7.68 -6.03 13.23
C GLN A 366 -7.58 -5.40 14.60
N ALA A 367 -6.70 -4.43 14.78
CA ALA A 367 -6.57 -3.71 16.05
C ALA A 367 -7.47 -2.48 16.13
N LEU A 368 -7.97 -1.99 15.00
CA LEU A 368 -8.67 -0.71 14.98
C LEU A 368 -10.17 -0.82 15.16
N GLY A 369 -10.77 -1.96 14.82
CA GLY A 369 -12.21 -2.04 14.86
C GLY A 369 -12.70 -3.48 14.90
N SER A 370 -14.03 -3.60 14.92
CA SER A 370 -14.66 -4.88 15.21
C SER A 370 -14.64 -5.81 14.00
N ASN A 371 -14.70 -5.28 12.79
CA ASN A 371 -14.98 -6.06 11.59
C ASN A 371 -14.08 -5.55 10.47
N ILE A 372 -13.07 -6.34 10.10
CA ILE A 372 -12.05 -5.82 9.20
C ILE A 372 -12.57 -5.70 7.76
N PHE A 373 -13.50 -6.57 7.36
CA PHE A 373 -14.08 -6.43 6.02
C PHE A 373 -14.73 -5.06 5.85
N LEU A 374 -15.62 -4.71 6.78
CA LEU A 374 -16.34 -3.45 6.71
C LEU A 374 -15.41 -2.26 6.92
N LEU A 375 -14.39 -2.42 7.77
CA LEU A 375 -13.46 -1.33 8.04
C LEU A 375 -12.59 -1.02 6.82
N GLN A 376 -12.15 -2.06 6.11
CA GLN A 376 -11.44 -1.88 4.84
C GLN A 376 -12.34 -1.21 3.81
N MET A 377 -13.59 -1.67 3.70
CA MET A 377 -14.52 -1.05 2.77
C MET A 377 -14.69 0.44 3.07
N PHE A 378 -14.79 0.79 4.35
CA PHE A 378 -14.89 2.19 4.73
C PHE A 378 -13.62 2.97 4.47
N ILE A 379 -12.46 2.32 4.60
CA ILE A 379 -11.22 3.00 4.27
C ILE A 379 -11.19 3.36 2.80
N GLY A 380 -11.97 2.66 1.99
CA GLY A 380 -12.19 3.12 0.61
C GLY A 380 -13.19 4.26 0.50
N VAL A 381 -14.36 4.02 1.11
CA VAL A 381 -15.50 4.92 0.95
C VAL A 381 -15.19 6.31 1.46
N VAL A 382 -14.44 6.42 2.56
CA VAL A 382 -14.06 7.72 3.10
C VAL A 382 -12.84 8.29 2.40
N ASP A 383 -12.03 7.45 1.76
CA ASP A 383 -10.89 7.97 1.02
C ASP A 383 -11.33 8.75 -0.19
N ILE A 384 -12.43 8.36 -0.82
CA ILE A 384 -12.82 9.06 -2.05
C ILE A 384 -13.12 10.54 -1.77
N PRO A 385 -14.13 10.86 -0.96
CA PRO A 385 -14.45 12.29 -0.75
C PRO A 385 -13.29 13.09 -0.19
N ALA A 386 -12.45 12.48 0.64
CA ALA A 386 -11.28 13.19 1.14
C ALA A 386 -10.39 13.62 0.00
N LYS A 387 -10.18 12.74 -0.98
CA LYS A 387 -9.30 13.07 -2.10
C LYS A 387 -9.89 14.14 -2.99
N MET A 388 -11.19 14.06 -3.27
CA MET A 388 -11.79 15.11 -4.10
C MET A 388 -11.75 16.47 -3.39
N GLY A 389 -12.05 16.50 -2.09
CA GLY A 389 -11.93 17.74 -1.34
C GLY A 389 -10.50 18.24 -1.30
N ALA A 390 -9.53 17.33 -1.22
CA ALA A 390 -8.14 17.72 -1.28
C ALA A 390 -7.82 18.41 -2.60
N LEU A 391 -8.23 17.80 -3.72
CA LEU A 391 -8.00 18.41 -5.02
C LEU A 391 -8.61 19.81 -5.10
N LEU A 392 -9.86 19.96 -4.65
CA LEU A 392 -10.52 21.26 -4.78
C LEU A 392 -9.88 22.32 -3.90
N LEU A 393 -9.68 22.02 -2.61
CA LEU A 393 -9.03 22.99 -1.74
C LEU A 393 -7.62 23.29 -2.20
N LEU A 394 -6.90 22.27 -2.67
CA LEU A 394 -5.58 22.46 -3.27
C LEU A 394 -5.65 23.44 -4.44
N SER A 395 -6.76 23.44 -5.17
CA SER A 395 -6.93 24.40 -6.26
C SER A 395 -7.37 25.78 -5.78
N HIS A 396 -7.90 25.91 -4.57
CA HIS A 396 -8.34 27.22 -4.12
C HIS A 396 -7.60 27.78 -2.90
N LEU A 397 -7.47 27.01 -1.82
CA LEU A 397 -6.97 27.58 -0.58
C LEU A 397 -5.46 27.73 -0.54
N GLY A 398 -4.73 27.05 -1.41
CA GLY A 398 -3.29 27.10 -1.39
C GLY A 398 -2.69 25.77 -0.96
N ARG A 399 -1.53 25.43 -1.53
CA ARG A 399 -0.94 24.14 -1.25
C ARG A 399 -0.44 24.04 0.19
N ARG A 400 0.16 25.12 0.71
CA ARG A 400 0.71 25.09 2.07
C ARG A 400 -0.35 24.76 3.11
N PRO A 401 -1.42 25.55 3.25
CA PRO A 401 -2.40 25.23 4.30
C PRO A 401 -3.10 23.91 4.08
N THR A 402 -3.33 23.48 2.84
CA THR A 402 -3.99 22.20 2.62
C THR A 402 -3.11 21.04 3.05
N LEU A 403 -1.82 21.07 2.69
CA LEU A 403 -0.92 20.03 3.16
C LEU A 403 -0.87 19.99 4.68
N ALA A 404 -0.68 21.17 5.30
CA ALA A 404 -0.56 21.21 6.75
C ALA A 404 -1.85 20.72 7.42
N ALA A 405 -3.01 21.14 6.89
CA ALA A 405 -4.29 20.79 7.50
C ALA A 405 -4.61 19.32 7.32
N SER A 406 -4.31 18.75 6.15
CA SER A 406 -4.53 17.32 5.94
C SER A 406 -3.66 16.49 6.88
N LEU A 407 -2.37 16.84 7.00
CA LEU A 407 -1.50 16.07 7.87
C LEU A 407 -1.89 16.24 9.33
N LEU A 408 -2.35 17.44 9.71
CA LEU A 408 -2.77 17.65 11.09
C LEU A 408 -4.08 16.93 11.40
N LEU A 409 -4.99 16.87 10.42
CA LEU A 409 -6.19 16.04 10.56
C LEU A 409 -5.80 14.59 10.84
N ALA A 410 -4.91 14.02 10.02
CA ALA A 410 -4.45 12.66 10.24
C ALA A 410 -3.88 12.50 11.64
N GLY A 411 -2.95 13.37 12.01
CA GLY A 411 -2.28 13.23 13.29
C GLY A 411 -3.23 13.34 14.46
N LEU A 412 -4.11 14.34 14.43
CA LEU A 412 -5.03 14.56 15.55
C LEU A 412 -6.00 13.39 15.70
N CYS A 413 -6.53 12.88 14.58
CA CYS A 413 -7.44 11.73 14.70
C CYS A 413 -6.73 10.51 15.26
N ILE A 414 -5.53 10.22 14.74
CA ILE A 414 -4.84 9.01 15.17
C ILE A 414 -4.40 9.13 16.62
N LEU A 415 -4.06 10.33 17.07
CA LEU A 415 -3.73 10.53 18.47
C LEU A 415 -4.97 10.41 19.36
N ALA A 416 -6.07 11.03 18.94
CA ALA A 416 -7.30 10.92 19.72
C ALA A 416 -7.73 9.48 19.87
N ASN A 417 -7.37 8.62 18.91
CA ASN A 417 -7.75 7.22 19.05
C ASN A 417 -7.21 6.62 20.34
N THR A 418 -6.10 7.16 20.88
CA THR A 418 -5.54 6.66 22.13
C THR A 418 -6.26 7.22 23.36
N LEU A 419 -6.93 8.35 23.22
CA LEU A 419 -7.65 8.94 24.35
C LEU A 419 -9.01 8.26 24.55
N VAL A 420 -9.64 7.85 23.46
CA VAL A 420 -10.95 7.19 23.52
C VAL A 420 -10.76 5.81 24.14
N PRO A 421 -11.57 5.42 25.12
CA PRO A 421 -11.35 4.12 25.79
C PRO A 421 -11.68 2.94 24.89
N HIS A 422 -11.11 1.80 25.26
CA HIS A 422 -11.28 0.56 24.51
C HIS A 422 -12.72 0.12 24.39
N GLU A 423 -13.61 0.57 25.30
CA GLU A 423 -15.01 0.16 25.23
C GLU A 423 -15.73 0.83 24.08
N MET A 424 -15.32 2.03 23.71
CA MET A 424 -15.96 2.79 22.63
C MET A 424 -15.40 2.41 21.27
N GLY A 425 -15.58 1.15 20.90
CA GLY A 425 -15.02 0.67 19.65
C GLY A 425 -15.52 1.42 18.43
N ALA A 426 -16.79 1.86 18.46
CA ALA A 426 -17.34 2.56 17.30
C ALA A 426 -16.58 3.86 17.02
N LEU A 427 -16.37 4.66 18.06
CA LEU A 427 -15.67 5.93 17.88
C LEU A 427 -14.21 5.71 17.53
N ARG A 428 -13.58 4.67 18.11
CA ARG A 428 -12.21 4.33 17.73
C ARG A 428 -12.12 4.00 16.25
N SER A 429 -13.05 3.19 15.75
CA SER A 429 -13.05 2.82 14.33
C SER A 429 -13.28 4.05 13.45
N ALA A 430 -14.22 4.92 13.84
CA ALA A 430 -14.49 6.11 13.05
C ALA A 430 -13.29 7.04 13.00
N LEU A 431 -12.62 7.23 14.14
CA LEU A 431 -11.44 8.08 14.17
C LEU A 431 -10.30 7.48 13.34
N ALA A 432 -10.15 6.16 13.37
CA ALA A 432 -9.13 5.53 12.54
C ALA A 432 -9.42 5.73 11.06
N VAL A 433 -10.68 5.57 10.66
CA VAL A 433 -11.05 5.76 9.26
C VAL A 433 -10.77 7.20 8.83
N LEU A 434 -11.14 8.17 9.68
CA LEU A 434 -10.90 9.57 9.34
C LEU A 434 -9.41 9.88 9.26
N GLY A 435 -8.60 9.28 10.15
CA GLY A 435 -7.17 9.50 10.08
C GLY A 435 -6.56 8.98 8.79
N LEU A 436 -6.92 7.74 8.41
CA LEU A 436 -6.45 7.23 7.14
C LEU A 436 -6.97 8.06 5.97
N GLY A 437 -8.16 8.64 6.10
CA GLY A 437 -8.65 9.54 5.08
C GLY A 437 -7.78 10.77 4.92
N GLY A 438 -7.38 11.36 6.05
CA GLY A 438 -6.48 12.50 6.00
C GLY A 438 -5.13 12.17 5.38
N VAL A 439 -4.59 11.00 5.70
CA VAL A 439 -3.32 10.58 5.09
C VAL A 439 -3.48 10.41 3.58
N GLY A 440 -4.57 9.76 3.16
CA GLY A 440 -4.80 9.57 1.74
C GLY A 440 -5.01 10.86 0.98
N ALA A 441 -5.62 11.86 1.62
CA ALA A 441 -5.72 13.18 1.00
C ALA A 441 -4.35 13.83 0.87
N ALA A 442 -3.54 13.74 1.93
CA ALA A 442 -2.19 14.29 1.86
C ALA A 442 -1.38 13.63 0.76
N PHE A 443 -1.71 12.39 0.41
CA PHE A 443 -1.00 11.73 -0.69
C PHE A 443 -1.10 12.55 -1.98
N THR A 444 -2.34 12.86 -2.39
CA THR A 444 -2.56 13.71 -3.57
C THR A 444 -1.93 15.08 -3.36
N CYS A 445 -2.16 15.68 -2.18
CA CYS A 445 -1.68 17.02 -1.92
C CYS A 445 -0.18 17.11 -2.16
N ILE A 446 0.59 16.19 -1.56
CA ILE A 446 2.04 16.24 -1.68
C ILE A 446 2.48 15.87 -3.07
N THR A 447 1.81 14.90 -3.71
CA THR A 447 2.16 14.57 -5.09
C THR A 447 2.20 15.82 -5.94
N ILE A 448 1.23 16.72 -5.75
CA ILE A 448 1.21 17.91 -6.59
C ILE A 448 2.11 19.01 -6.02
N TYR A 449 2.09 19.20 -4.70
CA TYR A 449 2.78 20.34 -4.10
C TYR A 449 4.29 20.21 -4.22
N SER A 450 4.83 19.00 -4.04
CA SER A 450 6.27 18.82 -4.15
C SER A 450 6.78 19.11 -5.55
N SER A 451 5.90 19.14 -6.54
CA SER A 451 6.24 19.45 -7.92
C SER A 451 6.27 20.95 -8.19
N GLU A 452 6.26 21.78 -7.15
CA GLU A 452 6.27 23.23 -7.30
C GLU A 452 7.26 23.95 -6.40
N LEU A 453 7.78 23.30 -5.36
CA LEU A 453 8.64 23.97 -4.39
C LEU A 453 10.06 24.18 -4.91
N PHE A 454 10.40 23.64 -6.08
CA PHE A 454 11.77 23.63 -6.55
C PHE A 454 11.86 24.09 -8.00
N PRO A 455 12.99 24.67 -8.39
CA PRO A 455 13.14 25.14 -9.77
C PRO A 455 13.05 23.98 -10.75
N THR A 456 12.59 24.30 -11.96
CA THR A 456 12.12 23.27 -12.89
C THR A 456 13.20 22.26 -13.24
N VAL A 457 14.48 22.63 -13.15
CA VAL A 457 15.53 21.65 -13.44
C VAL A 457 15.60 20.59 -12.35
N LEU A 458 15.38 20.97 -11.09
CA LEU A 458 15.49 20.06 -9.95
C LEU A 458 14.13 19.56 -9.45
N ARG A 459 13.03 19.98 -10.07
CA ARG A 459 11.70 19.53 -9.66
C ARG A 459 11.63 17.99 -9.58
N MET A 460 12.04 17.33 -10.66
CA MET A 460 11.96 15.87 -10.74
C MET A 460 12.86 15.20 -9.72
N THR A 461 14.05 15.77 -9.46
CA THR A 461 14.94 15.20 -8.45
C THR A 461 14.28 15.19 -7.08
N ALA A 462 13.63 16.30 -6.73
CA ALA A 462 12.94 16.36 -5.45
C ALA A 462 11.82 15.34 -5.37
N VAL A 463 11.04 15.19 -6.44
CA VAL A 463 9.95 14.23 -6.39
C VAL A 463 10.49 12.80 -6.21
N GLY A 464 11.58 12.48 -6.91
CA GLY A 464 12.15 11.13 -6.77
C GLY A 464 12.67 10.85 -5.37
N LEU A 465 13.39 11.80 -4.79
CA LEU A 465 13.85 11.63 -3.42
C LEU A 465 12.67 11.48 -2.47
N GLY A 466 11.61 12.26 -2.68
CA GLY A 466 10.44 12.12 -1.83
C GLY A 466 9.81 10.75 -1.92
N GLN A 467 9.73 10.19 -3.13
CA GLN A 467 9.18 8.84 -3.28
C GLN A 467 10.03 7.82 -2.52
N MET A 468 11.34 7.92 -2.65
CA MET A 468 12.20 7.00 -1.90
C MET A 468 12.00 7.16 -0.40
N ALA A 469 11.81 8.39 0.07
CA ALA A 469 11.59 8.60 1.50
C ALA A 469 10.29 7.98 1.96
N ALA A 470 9.22 8.13 1.17
CA ALA A 470 7.97 7.46 1.51
C ALA A 470 8.16 5.96 1.64
N ARG A 471 8.99 5.38 0.77
CA ARG A 471 9.22 3.93 0.82
C ARG A 471 10.04 3.54 2.05
N GLY A 472 11.04 4.35 2.40
CA GLY A 472 11.76 4.09 3.64
C GLY A 472 10.86 4.13 4.85
N GLY A 473 9.92 5.08 4.87
CA GLY A 473 8.95 5.13 5.96
C GLY A 473 8.02 3.93 5.98
N ALA A 474 7.57 3.49 4.80
CA ALA A 474 6.71 2.32 4.75
C ALA A 474 7.40 1.09 5.31
N ILE A 475 8.69 0.92 5.03
CA ILE A 475 9.39 -0.24 5.56
C ILE A 475 9.36 -0.25 7.09
N LEU A 476 9.56 0.91 7.71
CA LEU A 476 9.51 1.00 9.17
C LEU A 476 8.10 0.88 9.70
N GLY A 477 7.09 1.14 8.87
CA GLY A 477 5.72 1.02 9.31
C GLY A 477 5.46 -0.23 10.11
N PRO A 478 5.55 -1.41 9.47
CA PRO A 478 5.25 -2.66 10.20
C PRO A 478 6.11 -2.88 11.44
N LEU A 479 7.40 -2.56 11.38
CA LEU A 479 8.30 -2.90 12.48
C LEU A 479 7.91 -2.17 13.76
N VAL A 480 7.27 -1.00 13.65
CA VAL A 480 6.94 -0.22 14.82
C VAL A 480 5.95 -0.94 15.72
N ARG A 481 5.17 -1.88 15.16
CA ARG A 481 4.22 -2.63 15.99
C ARG A 481 4.92 -3.53 16.99
N LEU A 482 6.20 -3.85 16.78
CA LEU A 482 6.96 -4.63 17.74
C LEU A 482 7.15 -3.89 19.05
N LEU A 483 6.88 -2.58 19.08
CA LEU A 483 6.84 -1.84 20.34
C LEU A 483 5.60 -2.14 21.15
N GLY A 484 4.61 -2.80 20.55
CA GLY A 484 3.34 -2.99 21.21
C GLY A 484 3.40 -3.81 22.48
N VAL A 485 4.52 -4.50 22.72
CA VAL A 485 4.68 -5.24 23.98
C VAL A 485 4.46 -4.32 25.16
N HIS A 486 4.89 -3.07 25.05
CA HIS A 486 4.79 -2.09 26.12
C HIS A 486 3.41 -1.47 26.22
N GLY A 487 2.53 -1.73 25.27
CA GLY A 487 1.16 -1.27 25.33
C GLY A 487 0.58 -0.99 23.95
N PRO A 488 -0.74 -1.14 23.81
CA PRO A 488 -1.37 -0.83 22.52
C PRO A 488 -1.34 0.65 22.17
N TRP A 489 -1.18 1.52 23.17
CA TRP A 489 -1.18 2.96 22.91
C TRP A 489 0.10 3.42 22.22
N LEU A 490 1.20 2.67 22.37
CA LEU A 490 2.50 3.17 21.97
C LEU A 490 2.68 3.24 20.46
N PRO A 491 2.45 2.16 19.70
CA PRO A 491 2.50 2.29 18.23
C PRO A 491 1.58 3.38 17.70
N LEU A 492 0.38 3.52 18.28
CA LEU A 492 -0.54 4.55 17.81
C LEU A 492 0.01 5.94 18.11
N LEU A 493 0.65 6.13 19.27
CA LEU A 493 1.24 7.43 19.58
C LEU A 493 2.36 7.74 18.61
N VAL A 494 3.16 6.75 18.22
CA VAL A 494 4.23 6.99 17.25
C VAL A 494 3.64 7.36 15.89
N TYR A 495 2.70 6.54 15.39
CA TYR A 495 2.09 6.79 14.09
C TYR A 495 1.37 8.13 14.06
N GLY A 496 0.89 8.59 15.22
CA GLY A 496 0.22 9.87 15.26
C GLY A 496 1.18 11.03 15.42
N THR A 497 2.31 10.80 16.10
CA THR A 497 3.29 11.87 16.25
C THR A 497 3.93 12.24 14.93
N VAL A 498 4.24 11.24 14.10
CA VAL A 498 4.93 11.54 12.84
C VAL A 498 4.14 12.53 11.97
N PRO A 499 2.85 12.29 11.67
CA PRO A 499 2.12 13.27 10.85
C PRO A 499 1.93 14.61 11.54
N VAL A 500 1.83 14.66 12.86
CA VAL A 500 1.72 15.96 13.53
C VAL A 500 2.97 16.79 13.25
N LEU A 501 4.14 16.20 13.49
CA LEU A 501 5.39 16.93 13.29
C LEU A 501 5.54 17.35 11.83
N SER A 502 5.28 16.44 10.89
CA SER A 502 5.43 16.81 9.48
C SER A 502 4.40 17.84 9.04
N GLY A 503 3.19 17.78 9.59
CA GLY A 503 2.18 18.77 9.25
C GLY A 503 2.53 20.15 9.76
N LEU A 504 3.05 20.23 10.99
CA LEU A 504 3.57 21.50 11.48
C LEU A 504 4.71 21.98 10.60
N ALA A 505 5.60 21.07 10.21
CA ALA A 505 6.74 21.46 9.39
C ALA A 505 6.29 22.04 8.06
N ALA A 506 5.24 21.49 7.47
CA ALA A 506 4.77 21.97 6.17
C ALA A 506 4.38 23.44 6.21
N LEU A 507 4.03 23.96 7.39
CA LEU A 507 3.72 25.38 7.51
C LEU A 507 4.92 26.26 7.21
N LEU A 508 6.14 25.72 7.36
CA LEU A 508 7.35 26.50 7.12
C LEU A 508 7.71 26.59 5.64
N LEU A 509 6.98 25.89 4.77
CA LEU A 509 7.25 25.96 3.34
C LEU A 509 6.68 27.25 2.75
N PRO A 510 7.24 27.72 1.63
CA PRO A 510 6.60 28.81 0.90
C PRO A 510 5.38 28.34 0.13
N GLU A 511 4.42 29.24 -0.03
CA GLU A 511 3.27 28.97 -0.88
C GLU A 511 3.66 29.05 -2.35
N THR A 512 3.02 28.22 -3.16
CA THR A 512 3.30 28.17 -4.60
C THR A 512 2.09 28.50 -5.45
N GLN A 513 0.89 28.58 -4.88
CA GLN A 513 -0.23 29.16 -5.59
C GLN A 513 0.01 30.64 -5.80
N SER A 514 -0.52 31.17 -6.89
CA SER A 514 -0.24 32.57 -7.24
C SER A 514 -0.73 33.50 -6.14
N LEU A 515 0.09 34.49 -5.82
CA LEU A 515 -0.27 35.51 -4.83
C LEU A 515 0.04 36.91 -5.38
#